data_5USG
#
_entry.id   5USG
#
_cell.length_a   80.952
_cell.length_b   37.827
_cell.length_c   62.070
_cell.angle_alpha   90.00
_cell.angle_beta   96.20
_cell.angle_gamma   90.00
#
_symmetry.space_group_name_H-M   'C 1 2 1'
#
loop_
_entity.id
_entity.type
_entity.pdbx_description
1 polymer "RNA (5'-R(*UP*CP*GP*AP*CP*A)-3')"
2 polymer "DNA (5'-D(*AP*(T5S)P*GP*(T5S)P*CP*G)-3')"
3 polymer 'Ribonuclease H'
4 non-polymer 'MAGNESIUM ION'
5 water water
#
loop_
_entity_poly.entity_id
_entity_poly.type
_entity_poly.pdbx_seq_one_letter_code
_entity_poly.pdbx_strand_id
1 'polyribonucleotide' UCGACA B
2 'polydeoxyribonucleotide' (DA)(T5S)(DG)(T5S)(DC)(DG) C
3 'polypeptide(L)'
;GSHMAKEEIIWESLSVDVGSQGNPGIVEYKGVDTKTGEVLFEREPIPIGTNNMGEFLAIVHGLRYLKERNSRKPIYSNSQ
TAIKWVKDKKAKSTLVRNEETALIWKLVDEAEEWLNTHTYETPILKWQTDKWGEIKADYGRK
;
A
#
# COMPACT_ATOMS: atom_id res chain seq x y z
N GLU C 8 -12.49 16.26 9.71
CA GLU C 8 -12.39 15.87 8.28
C GLU C 8 -11.50 14.63 7.98
N ILE C 9 -11.09 13.90 9.00
CA ILE C 9 -10.69 12.50 8.89
C ILE C 9 -11.94 11.72 8.54
N ILE C 10 -11.87 10.91 7.47
CA ILE C 10 -12.97 10.05 7.05
C ILE C 10 -12.70 8.76 7.85
N TRP C 11 -13.38 8.61 8.98
CA TRP C 11 -13.14 7.48 9.85
C TRP C 11 -13.56 6.16 9.23
N GLU C 12 -14.56 6.18 8.34
CA GLU C 12 -15.06 4.93 7.68
C GLU C 12 -14.16 4.64 6.46
N SER C 13 -12.97 4.13 6.78
CA SER C 13 -11.91 4.00 5.79
C SER C 13 -10.96 2.88 6.20
N LEU C 14 -10.09 2.50 5.24
CA LEU C 14 -9.01 1.55 5.46
C LEU C 14 -7.70 2.36 5.41
N SER C 15 -6.82 2.19 6.37
CA SER C 15 -5.51 2.83 6.35
C SER C 15 -4.46 1.76 6.11
N VAL C 16 -3.48 2.05 5.25
CA VAL C 16 -2.42 1.10 4.94
C VAL C 16 -1.06 1.77 5.14
N ASP C 17 -0.05 0.96 5.43
CA ASP C 17 1.31 1.49 5.54
C ASP C 17 2.33 0.38 5.39
N VAL C 18 3.53 0.77 5.05
CA VAL C 18 4.71 -0.12 4.97
C VAL C 18 5.48 -0.08 6.29
N GLY C 19 6.21 -1.17 6.57
CA GLY C 19 7.28 -1.21 7.58
C GLY C 19 8.52 -1.80 6.93
N SER C 20 9.72 -1.37 7.36
CA SER C 20 10.89 -2.01 6.86
C SER C 20 11.97 -2.17 7.90
N GLN C 21 12.93 -2.99 7.54
CA GLN C 21 14.25 -3.09 8.20
C GLN C 21 15.31 -2.92 7.11
N GLY C 22 15.83 -1.68 7.02
CA GLY C 22 16.66 -1.24 5.93
C GLY C 22 15.80 -0.64 4.85
N ASN C 23 16.40 0.17 4.00
CA ASN C 23 15.72 0.66 2.80
C ASN C 23 16.81 0.96 1.75
N PRO C 24 17.01 0.06 0.77
CA PRO C 24 16.26 -1.20 0.57
C PRO C 24 16.50 -2.20 1.66
N GLY C 25 15.51 -3.02 1.99
CA GLY C 25 15.66 -4.01 2.98
C GLY C 25 14.40 -4.83 3.09
N ILE C 26 14.19 -5.41 4.29
CA ILE C 26 13.07 -6.35 4.50
C ILE C 26 11.82 -5.46 4.53
N VAL C 27 10.82 -5.78 3.72
CA VAL C 27 9.60 -4.95 3.62
C VAL C 27 8.37 -5.75 4.01
N GLU C 28 7.50 -5.12 4.77
CA GLU C 28 6.17 -5.68 5.05
C GLU C 28 5.14 -4.58 4.94
N TYR C 29 3.85 -4.90 4.97
CA TYR C 29 2.85 -3.84 5.01
C TYR C 29 1.55 -4.39 5.64
N LYS C 30 0.66 -3.53 6.03
CA LYS C 30 -0.57 -3.96 6.59
C LYS C 30 -1.65 -2.92 6.32
N GLY C 31 -2.88 -3.42 6.52
CA GLY C 31 -4.07 -2.61 6.38
C GLY C 31 -4.87 -2.68 7.69
N VAL C 32 -5.34 -1.53 8.14
CA VAL C 32 -6.13 -1.46 9.42
C VAL C 32 -7.40 -0.69 9.25
N ASP C 33 -8.41 -0.98 10.08
CA ASP C 33 -9.59 -0.15 10.10
C ASP C 33 -9.25 1.17 10.75
N THR C 34 -9.50 2.28 10.08
CA THR C 34 -9.05 3.56 10.59
C THR C 34 -9.72 3.92 11.98
N LYS C 35 -10.96 3.51 12.14
CA LYS C 35 -11.73 3.81 13.39
C LYS C 35 -11.17 3.05 14.59
N THR C 36 -11.02 1.74 14.40
CA THR C 36 -10.74 0.84 15.48
C THR C 36 -9.29 0.44 15.61
N GLY C 37 -8.49 0.49 14.55
CA GLY C 37 -7.12 -0.03 14.59
C GLY C 37 -7.03 -1.52 14.34
N GLU C 38 -8.15 -2.18 14.16
CA GLU C 38 -8.13 -3.59 13.90
C GLU C 38 -7.31 -3.95 12.62
N VAL C 39 -6.37 -4.90 12.72
CA VAL C 39 -5.55 -5.31 11.58
C VAL C 39 -6.37 -6.19 10.67
N LEU C 40 -6.59 -5.76 9.44
CA LEU C 40 -7.42 -6.47 8.50
C LEU C 40 -6.65 -7.37 7.58
N PHE C 41 -5.43 -6.97 7.24
CA PHE C 41 -4.49 -7.82 6.48
C PHE C 41 -3.08 -7.39 6.81
N GLU C 42 -2.15 -8.33 6.71
CA GLU C 42 -0.71 -8.06 6.98
C GLU C 42 0.07 -9.01 6.10
N ARG C 43 1.00 -8.47 5.29
CA ARG C 43 1.76 -9.24 4.36
C ARG C 43 3.00 -9.77 5.08
N GLU C 44 3.30 -11.04 4.85
CA GLU C 44 4.57 -11.65 5.31
C GLU C 44 5.79 -10.88 4.76
N PRO C 45 6.82 -10.70 5.58
CA PRO C 45 7.97 -9.90 5.14
C PRO C 45 8.56 -10.44 3.84
N ILE C 46 8.90 -9.50 2.99
CA ILE C 46 9.53 -9.73 1.68
C ILE C 46 11.02 -9.36 1.86
N PRO C 47 11.93 -10.24 1.47
CA PRO C 47 13.31 -10.06 1.97
C PRO C 47 14.04 -8.82 1.55
N ILE C 48 13.85 -8.37 0.33
CA ILE C 48 14.37 -7.11 -0.16
C ILE C 48 13.38 -6.34 -1.02
N GLY C 49 13.20 -5.09 -0.64
CA GLY C 49 12.43 -4.15 -1.37
C GLY C 49 12.67 -2.73 -0.90
N THR C 50 11.92 -1.81 -1.46
CA THR C 50 12.05 -0.40 -1.10
C THR C 50 10.80 -0.04 -0.30
N ASN C 51 10.95 1.05 0.43
CA ASN C 51 9.79 1.69 1.05
C ASN C 51 8.66 1.98 0.11
N ASN C 52 8.95 2.64 -1.03
CA ASN C 52 7.95 3.06 -1.93
C ASN C 52 7.26 1.86 -2.59
N MET C 53 8.03 0.81 -2.92
CA MET C 53 7.41 -0.42 -3.44
C MET C 53 6.39 -0.98 -2.43
N GLY C 54 6.79 -1.05 -1.17
CA GLY C 54 5.86 -1.52 -0.14
C GLY C 54 4.63 -0.68 0.06
N GLU C 55 4.84 0.65 0.07
CA GLU C 55 3.68 1.58 0.16
C GLU C 55 2.70 1.34 -0.98
N PHE C 56 3.26 1.09 -2.22
CA PHE C 56 2.46 0.81 -3.39
C PHE C 56 1.69 -0.50 -3.30
N LEU C 57 2.40 -1.54 -2.91
CA LEU C 57 1.75 -2.86 -2.74
C LEU C 57 0.66 -2.81 -1.67
N ALA C 58 0.87 -2.02 -0.65
CA ALA C 58 -0.15 -1.85 0.40
C ALA C 58 -1.42 -1.24 -0.13
N ILE C 59 -1.29 -0.21 -0.94
CA ILE C 59 -2.48 0.40 -1.52
C ILE C 59 -3.21 -0.62 -2.42
N VAL C 60 -2.46 -1.24 -3.32
CA VAL C 60 -3.09 -2.16 -4.25
C VAL C 60 -3.72 -3.34 -3.56
N HIS C 61 -3.05 -3.89 -2.54
CA HIS C 61 -3.68 -4.88 -1.62
C HIS C 61 -5.00 -4.39 -1.06
N GLY C 62 -4.97 -3.18 -0.52
CA GLY C 62 -6.19 -2.58 -0.03
C GLY C 62 -7.31 -2.46 -1.06
N LEU C 63 -6.99 -2.05 -2.30
CA LEU C 63 -8.02 -1.97 -3.36
C LEU C 63 -8.63 -3.35 -3.55
N ARG C 64 -7.74 -4.38 -3.59
CA ARG C 64 -8.23 -5.74 -3.88
C ARG C 64 -9.09 -6.26 -2.71
N TYR C 65 -8.65 -5.96 -1.50
CA TYR C 65 -9.34 -6.35 -0.25
C TYR C 65 -10.78 -5.78 -0.24
N LEU C 66 -10.86 -4.47 -0.50
CA LEU C 66 -12.16 -3.78 -0.51
C LEU C 66 -13.03 -4.23 -1.65
N LYS C 67 -12.47 -4.43 -2.83
CA LYS C 67 -13.25 -4.90 -3.97
C LYS C 67 -13.86 -6.23 -3.73
N GLU C 68 -13.05 -7.16 -3.22
CA GLU C 68 -13.51 -8.53 -2.96
C GLU C 68 -14.69 -8.55 -1.97
N ARG C 69 -14.74 -7.60 -1.04
CA ARG C 69 -15.76 -7.46 -0.03
C ARG C 69 -16.90 -6.45 -0.36
N ASN C 70 -16.96 -5.97 -1.59
CA ASN C 70 -17.95 -5.02 -2.04
C ASN C 70 -18.04 -3.81 -1.08
N SER C 71 -16.89 -3.27 -0.68
CA SER C 71 -16.80 -2.13 0.18
C SER C 71 -16.41 -0.91 -0.61
N ARG C 72 -17.07 0.21 -0.31
CA ARG C 72 -16.83 1.47 -1.00
C ARG C 72 -15.96 2.39 -0.16
N LYS C 73 -15.42 1.88 0.96
CA LYS C 73 -14.56 2.70 1.82
C LYS C 73 -13.36 3.29 1.07
N PRO C 74 -12.95 4.52 1.39
CA PRO C 74 -11.67 4.97 0.84
C PRO C 74 -10.51 4.35 1.55
N ILE C 75 -9.34 4.52 0.94
CA ILE C 75 -8.06 4.08 1.46
C ILE C 75 -7.25 5.30 1.78
N TYR C 76 -6.69 5.33 2.96
CA TYR C 76 -5.65 6.30 3.35
C TYR C 76 -4.30 5.71 3.22
N SER C 77 -3.38 6.50 2.62
CA SER C 77 -1.96 6.24 2.62
C SER C 77 -1.20 7.52 2.94
N ASN C 78 -0.05 7.41 3.56
CA ASN C 78 0.81 8.61 3.77
C ASN C 78 1.80 8.84 2.69
N SER C 79 1.78 8.01 1.63
CA SER C 79 2.88 8.02 0.65
C SER C 79 2.47 8.76 -0.59
N GLN C 80 2.96 9.99 -0.80
CA GLN C 80 2.68 10.70 -2.05
C GLN C 80 3.19 9.93 -3.25
N THR C 81 4.28 9.20 -3.08
CA THR C 81 4.86 8.38 -4.20
C THR C 81 3.92 7.32 -4.61
N ALA C 82 3.51 6.52 -3.64
CA ALA C 82 2.67 5.39 -3.93
C ALA C 82 1.32 5.73 -4.47
N ILE C 83 0.76 6.83 -4.01
CA ILE C 83 -0.52 7.32 -4.42
C ILE C 83 -0.41 7.66 -5.95
N LYS C 84 0.70 8.26 -6.31
CA LYS C 84 0.97 8.57 -7.74
C LYS C 84 1.17 7.35 -8.58
N TRP C 85 1.99 6.39 -8.11
CA TRP C 85 2.17 5.12 -8.81
C TRP C 85 0.84 4.39 -9.04
N VAL C 86 -0.04 4.38 -8.05
CA VAL C 86 -1.32 3.72 -8.24
C VAL C 86 -2.21 4.44 -9.28
N LYS C 87 -2.28 5.74 -9.17
CA LYS C 87 -3.01 6.57 -10.15
C LYS C 87 -2.48 6.29 -11.59
N ASP C 88 -1.17 6.20 -11.75
CA ASP C 88 -0.51 5.91 -13.02
C ASP C 88 -0.57 4.48 -13.49
N LYS C 89 -1.02 3.54 -12.64
CA LYS C 89 -0.82 2.12 -12.81
C LYS C 89 0.58 1.67 -13.10
N LYS C 90 1.54 2.36 -12.52
CA LYS C 90 2.92 2.14 -12.84
C LYS C 90 3.84 2.54 -11.71
N ALA C 91 4.53 1.57 -11.18
CA ALA C 91 5.54 1.80 -10.11
C ALA C 91 6.94 2.05 -10.64
N LYS C 92 7.30 3.32 -10.63
CA LYS C 92 8.59 3.80 -11.13
C LYS C 92 9.74 3.68 -10.12
N SER C 93 9.96 2.47 -9.70
CA SER C 93 11.08 2.10 -8.82
C SER C 93 12.44 2.01 -9.54
N THR C 94 13.49 2.42 -8.83
CA THR C 94 14.92 2.31 -9.20
C THR C 94 15.57 1.07 -8.73
N LEU C 95 14.90 0.25 -7.90
CA LEU C 95 15.58 -0.82 -7.27
C LEU C 95 16.15 -1.70 -8.37
N VAL C 96 17.42 -2.09 -8.21
CA VAL C 96 18.08 -3.12 -9.09
C VAL C 96 17.26 -4.43 -9.22
N ARG C 97 17.26 -5.02 -10.43
CA ARG C 97 16.75 -6.40 -10.63
C ARG C 97 17.83 -7.45 -10.57
N ASN C 98 17.74 -8.30 -9.59
CA ASN C 98 18.68 -9.40 -9.45
C ASN C 98 17.88 -10.45 -8.77
N GLU C 99 18.52 -11.50 -8.33
CA GLU C 99 17.84 -12.68 -7.86
C GLU C 99 17.30 -12.45 -6.44
N GLU C 100 17.96 -11.55 -5.68
CA GLU C 100 17.49 -11.16 -4.33
C GLU C 100 16.21 -10.26 -4.41
N THR C 101 16.12 -9.46 -5.45
CA THR C 101 14.95 -8.51 -5.65
C THR C 101 13.85 -9.07 -6.55
N ALA C 102 14.03 -10.28 -7.04
CA ALA C 102 13.02 -10.88 -7.98
C ALA C 102 11.61 -11.00 -7.36
N LEU C 103 11.52 -11.36 -6.09
CA LEU C 103 10.22 -11.50 -5.42
C LEU C 103 9.45 -10.17 -5.39
N ILE C 104 10.08 -9.11 -4.88
CA ILE C 104 9.34 -7.83 -4.86
C ILE C 104 8.96 -7.31 -6.23
N TRP C 105 9.84 -7.51 -7.21
CA TRP C 105 9.55 -7.06 -8.52
C TRP C 105 8.40 -7.85 -9.18
N LYS C 106 8.34 -9.14 -8.92
CA LYS C 106 7.18 -9.97 -9.37
C LYS C 106 5.88 -9.48 -8.75
N LEU C 107 5.89 -9.21 -7.44
CA LEU C 107 4.69 -8.68 -6.77
C LEU C 107 4.31 -7.30 -7.33
N VAL C 108 5.27 -6.40 -7.62
CA VAL C 108 4.98 -5.12 -8.21
C VAL C 108 4.36 -5.31 -9.59
N ASP C 109 5.00 -6.13 -10.41
CA ASP C 109 4.46 -6.44 -11.73
C ASP C 109 3.03 -6.98 -11.67
N GLU C 110 2.76 -7.91 -10.78
CA GLU C 110 1.39 -8.51 -10.62
C GLU C 110 0.37 -7.44 -10.09
N ALA C 111 0.85 -6.52 -9.24
CA ALA C 111 -0.05 -5.40 -8.79
C ALA C 111 -0.45 -4.48 -9.91
N GLU C 112 0.51 -4.05 -10.75
CA GLU C 112 0.23 -3.26 -11.91
C GLU C 112 -0.75 -4.01 -12.81
N GLU C 113 -0.51 -5.32 -12.96
CA GLU C 113 -1.37 -6.10 -13.83
C GLU C 113 -2.80 -6.12 -13.30
N TRP C 114 -2.97 -6.28 -11.98
CA TRP C 114 -4.31 -6.20 -11.40
C TRP C 114 -5.00 -4.85 -11.72
N LEU C 115 -4.28 -3.75 -11.51
CA LEU C 115 -4.79 -2.42 -11.81
C LEU C 115 -5.22 -2.28 -13.25
N ASN C 116 -4.48 -2.91 -14.15
CA ASN C 116 -4.81 -2.88 -15.60
C ASN C 116 -5.91 -3.83 -16.02
N THR C 117 -6.45 -4.64 -15.10
CA THR C 117 -7.51 -5.61 -15.41
C THR C 117 -8.83 -5.49 -14.59
N HIS C 118 -8.88 -4.53 -13.67
CA HIS C 118 -10.02 -4.36 -12.77
C HIS C 118 -10.40 -2.95 -12.70
N THR C 119 -11.66 -2.69 -12.34
CA THR C 119 -12.09 -1.34 -12.08
C THR C 119 -12.27 -1.17 -10.59
N TYR C 120 -12.20 0.07 -10.16
CA TYR C 120 -12.53 0.37 -8.77
C TYR C 120 -12.97 1.85 -8.69
N GLU C 121 -13.78 2.18 -7.74
CA GLU C 121 -13.94 3.62 -7.51
C GLU C 121 -13.47 4.13 -6.16
N THR C 122 -12.77 3.29 -5.41
CA THR C 122 -12.17 3.61 -4.14
C THR C 122 -11.36 4.90 -4.19
N PRO C 123 -11.77 5.88 -3.35
CA PRO C 123 -10.94 7.08 -3.29
C PRO C 123 -9.65 6.77 -2.59
N ILE C 124 -8.53 7.21 -3.14
CA ILE C 124 -7.24 6.95 -2.48
C ILE C 124 -6.80 8.29 -1.97
N LEU C 125 -6.78 8.39 -0.66
CA LEU C 125 -6.55 9.67 0.02
C LEU C 125 -5.26 9.81 0.73
N LYS C 126 -4.71 11.05 0.75
CA LYS C 126 -3.52 11.28 1.50
C LYS C 126 -3.82 11.50 2.96
N TRP C 127 -3.19 10.71 3.82
CA TRP C 127 -3.28 10.90 5.25
C TRP C 127 -2.43 12.11 5.63
N GLN C 128 -3.05 13.07 6.31
CA GLN C 128 -2.37 14.34 6.63
C GLN C 128 -1.66 14.23 7.93
N THR C 129 -0.47 13.64 7.94
CA THR C 129 0.32 13.30 9.13
C THR C 129 0.64 14.53 9.98
N ASP C 130 0.79 15.63 9.30
CA ASP C 130 1.27 16.82 10.00
C ASP C 130 0.18 17.43 10.87
N LYS C 131 -1.09 17.23 10.48
CA LYS C 131 -2.24 17.61 11.28
C LYS C 131 -2.77 16.51 12.17
N TRP C 132 -2.68 15.24 11.77
CA TRP C 132 -3.42 14.18 12.45
C TRP C 132 -2.61 13.18 13.17
N GLY C 133 -1.27 13.29 13.10
CA GLY C 133 -0.40 12.28 13.71
C GLY C 133 -0.15 11.18 12.70
N GLU C 134 0.56 10.17 13.17
CA GLU C 134 0.97 9.03 12.36
C GLU C 134 -0.23 8.25 11.89
N ILE C 135 -0.19 7.85 10.62
CA ILE C 135 -1.29 6.98 10.15
C ILE C 135 -1.50 5.74 11.02
N LYS C 136 -2.75 5.31 11.13
CA LYS C 136 -3.11 4.22 12.06
C LYS C 136 -2.47 2.88 11.75
N ALA C 137 -2.03 2.64 10.51
CA ALA C 137 -1.31 1.44 10.12
C ALA C 137 0.23 1.52 10.30
N ASP C 138 0.75 2.60 10.87
CA ASP C 138 2.17 2.74 11.07
C ASP C 138 2.72 1.60 11.91
N TYR C 139 3.96 1.24 11.64
CA TYR C 139 4.62 0.21 12.41
C TYR C 139 5.29 0.88 13.62
#